data_6ERM
#
_entry.id   6ERM
#
_cell.length_a   91.039
_cell.length_b   91.039
_cell.length_c   56.534
_cell.angle_alpha   90.00
_cell.angle_beta   90.00
_cell.angle_gamma   120.00
#
_symmetry.space_group_name_H-M   'P 6'
#
loop_
_entity.id
_entity.type
_entity.pdbx_description
1 polymer 'Gag polyprotein'
2 non-polymer "3'-AZIDO-3'-DEOXYTHYMIDINE-5'-TRIPHOSPHATE"
3 water water
#
_entity_poly.entity_id   1
_entity_poly.type   'polypeptide(L)'
_entity_poly.pdbx_seq_one_letter_code
;PIVQNLQGQMVHQCISPRTLNAWVKVVEEKAFSPEVIPMFSALSCGATPQDLNTMLNTVGGHQAAMQMLKETINEEAAEW
DRLHPVHAGPIAPGQMREPRGSDIAGTTSTLQEQIGWMTHNPPIPVGEIYKRWIILGLNKIVRMYSPTSILDIRQGPKEP
FRDYVDRFYKTLRAEQASQEVKNWMTETLLVQNANPDCKTILKALGPGATLEEMMTACQ
;
_entity_poly.pdbx_strand_id   A
#
loop_
_chem_comp.id
_chem_comp.type
_chem_comp.name
_chem_comp.formula
AZT non-polymer 3'-AZIDO-3'-DEOXYTHYMIDINE-5'-TRIPHOSPHATE 'C10 H16 N5 O13 P3'
#
# COMPACT_ATOMS: atom_id res chain seq x y z
N PRO A 1 -8.70 5.51 15.99
CA PRO A 1 -7.86 6.58 15.42
C PRO A 1 -7.79 7.72 16.40
N ILE A 2 -6.92 8.66 16.13
CA ILE A 2 -6.88 9.94 16.87
C ILE A 2 -7.40 10.94 15.86
N VAL A 3 -8.44 11.69 16.21
CA VAL A 3 -8.88 12.83 15.34
C VAL A 3 -9.14 14.12 16.16
N GLN A 4 -9.41 15.23 15.50
CA GLN A 4 -9.73 16.53 16.22
C GLN A 4 -11.13 16.64 16.94
N ASN A 5 -11.23 17.00 18.24
CA ASN A 5 -12.60 17.38 18.89
C ASN A 5 -12.87 18.90 18.90
N GLN A 9 -9.23 19.45 20.79
CA GLN A 9 -8.15 18.54 21.11
C GLN A 9 -8.07 17.36 20.11
N MET A 10 -6.89 16.77 20.06
CA MET A 10 -6.65 15.48 19.44
C MET A 10 -7.10 14.44 20.44
N VAL A 11 -8.17 13.72 20.06
CA VAL A 11 -8.73 12.67 20.93
C VAL A 11 -8.77 11.31 20.25
N HIS A 12 -8.76 10.24 21.03
CA HIS A 12 -8.89 8.90 20.53
C HIS A 12 -10.33 8.63 20.26
N GLN A 13 -10.61 8.02 19.13
CA GLN A 13 -11.95 7.50 18.85
C GLN A 13 -11.87 6.04 18.49
N CYS A 14 -12.89 5.27 18.84
CA CYS A 14 -12.96 3.84 18.45
C CYS A 14 -12.96 3.75 16.93
N ILE A 15 -12.28 2.73 16.41
CA ILE A 15 -12.45 2.38 15.02
C ILE A 15 -13.88 2.03 14.66
N SER A 16 -14.42 2.51 13.54
CA SER A 16 -15.85 2.30 13.30
C SER A 16 -16.11 0.97 12.61
N PRO A 17 -17.29 0.40 12.86
CA PRO A 17 -17.72 -0.80 12.13
C PRO A 17 -17.67 -0.60 10.62
N ARG A 18 -18.02 0.58 10.17
N ARG A 18 -18.01 0.59 10.16
CA ARG A 18 -17.91 0.96 8.78
CA ARG A 18 -17.91 0.92 8.74
C ARG A 18 -16.49 0.78 8.22
C ARG A 18 -16.49 0.78 8.20
N THR A 19 -15.53 1.35 8.91
CA THR A 19 -14.12 1.17 8.50
C THR A 19 -13.71 -0.33 8.52
N LEU A 20 -14.04 -1.01 9.61
CA LEU A 20 -13.64 -2.39 9.81
C LEU A 20 -14.16 -3.18 8.65
N ASN A 21 -15.43 -2.98 8.32
CA ASN A 21 -16.09 -3.80 7.30
C ASN A 21 -15.58 -3.46 5.88
N ALA A 22 -15.38 -2.17 5.62
CA ALA A 22 -14.77 -1.67 4.36
C ALA A 22 -13.45 -2.36 4.06
N TRP A 23 -12.55 -2.40 5.03
CA TRP A 23 -11.27 -3.02 4.84
C TRP A 23 -11.40 -4.52 4.58
N VAL A 24 -12.13 -5.24 5.46
CA VAL A 24 -12.33 -6.69 5.25
C VAL A 24 -12.91 -6.99 3.90
N LYS A 25 -13.89 -6.20 3.45
CA LYS A 25 -14.49 -6.40 2.12
C LYS A 25 -13.57 -6.04 1.00
N VAL A 26 -12.76 -5.00 1.09
CA VAL A 26 -11.72 -4.70 0.06
CA VAL A 26 -11.81 -4.76 -0.03
C VAL A 26 -10.80 -5.89 -0.19
N VAL A 27 -10.29 -6.42 0.92
CA VAL A 27 -9.35 -7.55 0.89
C VAL A 27 -10.05 -8.77 0.31
N GLU A 28 -11.29 -9.04 0.71
CA GLU A 28 -12.04 -10.17 0.15
C GLU A 28 -12.28 -10.06 -1.36
N GLU A 29 -12.70 -8.89 -1.80
CA GLU A 29 -12.97 -8.71 -3.21
C GLU A 29 -11.71 -8.51 -4.09
N LYS A 30 -10.66 -7.86 -3.58
CA LYS A 30 -9.55 -7.36 -4.44
C LYS A 30 -8.24 -8.05 -4.17
N ALA A 31 -8.18 -8.88 -3.11
CA ALA A 31 -6.91 -9.50 -2.67
C ALA A 31 -5.75 -8.50 -2.72
N PHE A 32 -4.69 -8.74 -3.49
CA PHE A 32 -3.59 -7.77 -3.44
C PHE A 32 -3.38 -7.12 -4.81
N SER A 33 -4.50 -6.76 -5.42
CA SER A 33 -4.41 -5.84 -6.51
C SER A 33 -3.79 -4.53 -5.94
N PRO A 34 -2.96 -3.81 -6.75
CA PRO A 34 -2.32 -2.59 -6.21
C PRO A 34 -3.21 -1.53 -5.65
N GLU A 35 -4.41 -1.37 -6.20
CA GLU A 35 -5.37 -0.39 -5.67
C GLU A 35 -5.82 -0.65 -4.20
N VAL A 36 -5.49 -1.80 -3.63
CA VAL A 36 -5.80 -2.07 -2.23
C VAL A 36 -4.97 -1.23 -1.26
N ILE A 37 -3.76 -0.91 -1.65
CA ILE A 37 -2.85 -0.17 -0.84
C ILE A 37 -3.33 1.27 -0.53
N PRO A 38 -3.64 2.06 -1.56
CA PRO A 38 -4.22 3.40 -1.25
C PRO A 38 -5.53 3.32 -0.46
N MET A 39 -6.30 2.25 -0.65
CA MET A 39 -7.50 2.10 0.13
C MET A 39 -7.14 1.82 1.58
N PHE A 40 -6.13 0.95 1.82
CA PHE A 40 -5.63 0.73 3.15
C PHE A 40 -5.19 2.03 3.77
N SER A 41 -4.37 2.76 3.04
CA SER A 41 -3.90 4.02 3.58
C SER A 41 -5.03 4.99 4.02
N ALA A 42 -6.08 5.08 3.20
CA ALA A 42 -7.15 6.03 3.43
C ALA A 42 -8.09 5.53 4.55
N LEU A 43 -8.37 4.25 4.59
CA LEU A 43 -9.12 3.67 5.71
C LEU A 43 -8.44 3.73 7.10
N SER A 44 -7.10 3.84 7.11
CA SER A 44 -6.30 3.94 8.32
C SER A 44 -5.82 5.37 8.65
N CYS A 45 -6.50 6.35 8.09
CA CYS A 45 -6.24 7.71 8.36
C CYS A 45 -6.44 7.93 9.88
N GLY A 46 -5.42 8.47 10.50
CA GLY A 46 -5.37 8.70 11.94
C GLY A 46 -5.20 7.47 12.81
N ALA A 47 -4.96 6.29 12.21
CA ALA A 47 -4.86 5.09 12.95
C ALA A 47 -3.76 5.11 13.96
N THR A 48 -4.06 4.57 15.14
CA THR A 48 -3.01 4.15 16.03
C THR A 48 -2.39 2.80 15.61
N PRO A 49 -1.26 2.41 16.20
CA PRO A 49 -0.76 1.09 15.90
C PRO A 49 -1.75 -0.01 16.26
N GLN A 50 -2.47 0.17 17.39
CA GLN A 50 -3.50 -0.78 17.76
C GLN A 50 -4.53 -0.90 16.63
N ASP A 51 -4.95 0.22 16.04
CA ASP A 51 -5.90 0.18 14.94
C ASP A 51 -5.37 -0.51 13.70
N LEU A 52 -4.10 -0.26 13.41
CA LEU A 52 -3.43 -0.89 12.28
C LEU A 52 -3.41 -2.38 12.47
N ASN A 53 -3.09 -2.83 13.69
CA ASN A 53 -3.09 -4.30 13.99
C ASN A 53 -4.48 -4.88 13.88
N THR A 54 -5.47 -4.12 14.35
CA THR A 54 -6.88 -4.53 14.17
C THR A 54 -7.18 -4.80 12.75
N MET A 55 -6.84 -3.83 11.89
CA MET A 55 -7.17 -3.99 10.48
C MET A 55 -6.47 -5.20 9.85
N LEU A 56 -5.18 -5.36 10.14
CA LEU A 56 -4.47 -6.54 9.63
C LEU A 56 -4.97 -7.88 10.20
N ASN A 57 -5.27 -7.88 11.49
CA ASN A 57 -5.74 -9.08 12.21
C ASN A 57 -7.15 -9.53 11.81
N THR A 58 -7.96 -8.63 11.31
CA THR A 58 -9.32 -8.99 10.94
C THR A 58 -9.41 -9.64 9.60
N VAL A 59 -8.29 -9.66 8.85
CA VAL A 59 -8.24 -10.40 7.59
C VAL A 59 -8.15 -11.89 7.89
N GLY A 60 -9.06 -12.66 7.32
CA GLY A 60 -9.14 -14.08 7.56
C GLY A 60 -8.32 -14.86 6.56
N GLY A 61 -8.25 -14.50 5.34
CA GLY A 61 -7.41 -15.41 4.49
C GLY A 61 -6.00 -14.87 4.34
N HIS A 62 -5.40 -15.30 3.28
CA HIS A 62 -4.11 -14.72 2.84
C HIS A 62 -3.05 -14.77 3.92
N GLN A 63 -2.97 -15.85 4.68
CA GLN A 63 -2.03 -15.88 5.80
C GLN A 63 -0.55 -16.03 5.39
N ALA A 64 -0.28 -16.52 4.18
CA ALA A 64 1.08 -16.41 3.62
C ALA A 64 1.51 -14.97 3.49
N ALA A 65 0.70 -14.14 2.84
CA ALA A 65 0.92 -12.74 2.77
C ALA A 65 1.00 -12.16 4.17
N MET A 66 0.10 -12.51 5.09
CA MET A 66 0.19 -11.87 6.43
C MET A 66 1.49 -12.21 7.15
N GLN A 67 2.00 -13.41 6.94
CA GLN A 67 3.31 -13.76 7.53
C GLN A 67 4.50 -13.05 6.82
N MET A 68 4.46 -12.89 5.51
CA MET A 68 5.47 -12.07 4.85
C MET A 68 5.43 -10.65 5.41
N LEU A 69 4.23 -10.11 5.60
CA LEU A 69 4.13 -8.80 6.22
C LEU A 69 4.79 -8.67 7.62
N LYS A 70 4.53 -9.64 8.52
CA LYS A 70 5.19 -9.72 9.84
C LYS A 70 6.68 -9.69 9.69
N GLU A 71 7.20 -10.39 8.67
CA GLU A 71 8.64 -10.36 8.40
C GLU A 71 9.19 -8.98 8.07
N THR A 72 8.51 -8.28 7.19
CA THR A 72 8.92 -6.95 6.78
C THR A 72 8.81 -6.01 7.97
N ILE A 73 7.71 -6.10 8.71
CA ILE A 73 7.57 -5.35 9.96
C ILE A 73 8.76 -5.61 10.94
N ASN A 74 9.10 -6.86 11.15
CA ASN A 74 10.21 -7.14 12.09
C ASN A 74 11.56 -6.61 11.60
N GLU A 75 11.80 -6.63 10.29
CA GLU A 75 12.97 -5.99 9.69
C GLU A 75 12.96 -4.49 9.87
N GLU A 76 11.81 -3.86 9.65
CA GLU A 76 11.75 -2.39 9.84
C GLU A 76 11.94 -2.00 11.28
N ALA A 77 11.36 -2.81 12.17
CA ALA A 77 11.42 -2.58 13.60
C ALA A 77 12.91 -2.75 14.09
N ALA A 78 13.63 -3.71 13.50
CA ALA A 78 15.04 -3.96 13.86
C ALA A 78 15.90 -2.80 13.39
N GLU A 79 15.63 -2.26 12.19
CA GLU A 79 16.27 -1.05 11.71
C GLU A 79 15.97 0.25 12.52
N TRP A 80 14.69 0.51 12.85
CA TRP A 80 14.36 1.48 13.90
C TRP A 80 15.25 1.35 15.19
N ASP A 81 15.33 0.18 15.77
CA ASP A 81 16.05 -0.02 17.00
C ASP A 81 17.55 0.25 16.82
N ARG A 82 18.06 -0.03 15.63
CA ARG A 82 19.47 0.23 15.31
C ARG A 82 19.74 1.73 15.31
N LEU A 83 18.84 2.50 14.69
CA LEU A 83 18.91 3.94 14.66
C LEU A 83 18.41 4.69 15.90
N HIS A 84 17.60 4.07 16.75
CA HIS A 84 16.95 4.76 17.88
C HIS A 84 16.95 3.83 19.08
N PRO A 85 18.14 3.57 19.63
CA PRO A 85 18.18 2.76 20.86
C PRO A 85 17.54 3.53 22.04
N VAL A 86 16.91 2.81 22.96
CA VAL A 86 16.20 3.41 24.08
C VAL A 86 17.01 3.19 25.37
N HIS A 87 17.02 4.19 26.25
CA HIS A 87 17.90 4.19 27.44
C HIS A 87 17.33 3.35 28.59
N ILE A 91 12.61 3.88 34.15
CA ILE A 91 12.15 5.19 33.68
C ILE A 91 11.63 6.18 34.76
N ALA A 92 11.85 7.45 34.48
CA ALA A 92 11.27 8.59 35.18
C ALA A 92 9.78 8.42 35.48
N PRO A 93 9.41 8.38 36.78
CA PRO A 93 7.97 8.28 37.16
C PRO A 93 7.08 9.32 36.47
N GLY A 94 5.99 8.83 35.84
CA GLY A 94 5.05 9.69 35.14
C GLY A 94 5.51 10.29 33.82
N GLN A 95 6.71 9.90 33.34
CA GLN A 95 7.20 10.41 32.06
C GLN A 95 7.01 9.37 30.90
N MET A 96 7.07 9.90 29.70
CA MET A 96 6.87 9.24 28.41
C MET A 96 8.20 8.56 28.05
N ARG A 97 8.14 7.24 27.86
CA ARG A 97 9.33 6.46 27.46
C ARG A 97 9.51 6.57 25.97
N GLU A 98 10.69 6.22 25.45
CA GLU A 98 10.94 6.34 24.01
C GLU A 98 10.49 5.02 23.36
N PRO A 99 9.81 5.10 22.18
CA PRO A 99 9.33 3.86 21.58
C PRO A 99 10.41 3.06 20.90
N ARG A 100 10.35 1.75 21.06
CA ARG A 100 11.15 0.81 20.36
C ARG A 100 10.34 0.29 19.12
N GLY A 101 10.96 -0.43 18.18
CA GLY A 101 10.27 -0.96 17.01
C GLY A 101 8.98 -1.67 17.36
N SER A 102 9.06 -2.57 18.35
CA SER A 102 7.91 -3.34 18.79
C SER A 102 6.78 -2.49 19.46
N ASP A 103 7.11 -1.29 19.93
CA ASP A 103 6.15 -0.36 20.46
C ASP A 103 5.46 0.37 19.33
N ILE A 104 6.21 0.72 18.33
CA ILE A 104 5.67 1.30 17.11
C ILE A 104 4.69 0.33 16.42
N ALA A 105 5.09 -0.93 16.37
CA ALA A 105 4.24 -1.98 15.75
C ALA A 105 3.11 -2.41 16.67
N GLY A 106 3.01 -1.83 17.88
CA GLY A 106 1.89 -2.04 18.79
C GLY A 106 1.86 -3.35 19.51
N THR A 107 2.94 -4.09 19.49
CA THR A 107 2.94 -5.40 20.16
C THR A 107 3.42 -5.30 21.60
N THR A 108 4.18 -4.27 21.93
CA THR A 108 4.66 -4.10 23.32
C THR A 108 4.29 -2.75 23.91
N SER A 109 3.42 -2.00 23.25
CA SER A 109 2.99 -0.70 23.74
C SER A 109 1.51 -0.77 24.01
N THR A 110 1.03 -0.06 25.01
CA THR A 110 -0.39 0.02 25.28
C THR A 110 -0.99 1.12 24.42
N LEU A 111 -2.33 1.11 24.37
CA LEU A 111 -3.08 2.12 23.65
C LEU A 111 -2.76 3.49 24.27
N GLN A 112 -2.79 3.56 25.58
CA GLN A 112 -2.42 4.77 26.26
C GLN A 112 -1.04 5.30 25.90
N GLU A 113 -0.04 4.44 25.83
CA GLU A 113 1.29 4.88 25.37
C GLU A 113 1.28 5.42 23.99
N GLN A 114 0.61 4.67 23.10
CA GLN A 114 0.43 5.09 21.73
C GLN A 114 -0.21 6.45 21.63
N ILE A 115 -1.28 6.63 22.39
CA ILE A 115 -1.94 7.96 22.40
C ILE A 115 -0.98 9.06 22.90
N GLY A 116 -0.23 8.75 23.91
CA GLY A 116 0.73 9.71 24.50
C GLY A 116 1.81 10.10 23.52
N TRP A 117 2.25 9.16 22.68
CA TRP A 117 3.23 9.53 21.68
C TRP A 117 2.61 10.34 20.62
N MET A 118 1.47 9.89 20.08
CA MET A 118 0.88 10.52 18.92
C MET A 118 0.33 11.91 19.24
N THR A 119 -0.06 12.18 20.48
CA THR A 119 -0.58 13.54 20.81
C THR A 119 0.42 14.40 21.57
N HIS A 120 1.66 13.91 21.73
CA HIS A 120 2.71 14.69 22.34
C HIS A 120 2.93 15.94 21.54
N ASN A 121 3.45 16.96 22.21
CA ASN A 121 3.92 18.17 21.51
C ASN A 121 5.44 18.29 21.70
N PRO A 122 6.26 18.01 20.68
CA PRO A 122 5.86 17.63 19.34
C PRO A 122 5.45 16.10 19.30
N PRO A 123 4.66 15.70 18.31
CA PRO A 123 4.21 14.30 18.27
C PRO A 123 5.29 13.34 17.85
N ILE A 124 5.20 12.14 18.38
CA ILE A 124 6.04 11.04 17.99
C ILE A 124 5.08 10.15 17.21
N PRO A 125 5.08 10.25 15.86
CA PRO A 125 3.90 9.80 15.11
C PRO A 125 3.96 8.31 14.85
N VAL A 126 3.75 7.54 15.89
CA VAL A 126 3.98 6.08 15.81
C VAL A 126 3.04 5.38 14.83
N GLY A 127 1.85 5.95 14.71
CA GLY A 127 0.87 5.46 13.79
C GLY A 127 1.35 5.62 12.36
N GLU A 128 1.88 6.79 12.02
CA GLU A 128 2.37 7.04 10.66
C GLU A 128 3.66 6.26 10.33
N ILE A 129 4.52 6.08 11.30
CA ILE A 129 5.73 5.28 11.12
C ILE A 129 5.35 3.80 10.87
N TYR A 130 4.45 3.26 11.70
CA TYR A 130 4.04 1.91 11.48
C TYR A 130 3.35 1.69 10.17
N LYS A 131 2.47 2.62 9.83
CA LYS A 131 1.78 2.58 8.53
C LYS A 131 2.74 2.47 7.36
N ARG A 132 3.82 3.25 7.39
CA ARG A 132 4.86 3.18 6.31
C ARG A 132 5.50 1.78 6.25
N TRP A 133 5.79 1.16 7.39
CA TRP A 133 6.36 -0.21 7.39
C TRP A 133 5.35 -1.18 6.79
N ILE A 134 4.06 -1.03 7.18
CA ILE A 134 3.02 -1.90 6.64
C ILE A 134 2.91 -1.74 5.12
N ILE A 135 2.82 -0.51 4.65
CA ILE A 135 2.74 -0.22 3.25
C ILE A 135 3.93 -0.78 2.42
N LEU A 136 5.11 -0.65 3.00
CA LEU A 136 6.33 -1.29 2.46
C LEU A 136 6.13 -2.77 2.32
N GLY A 137 5.60 -3.40 3.37
CA GLY A 137 5.28 -4.83 3.23
C GLY A 137 4.25 -5.17 2.22
N LEU A 138 3.17 -4.39 2.19
CA LEU A 138 2.11 -4.64 1.27
C LEU A 138 2.57 -4.45 -0.21
N ASN A 139 3.40 -3.46 -0.47
CA ASN A 139 3.94 -3.31 -1.83
C ASN A 139 4.74 -4.54 -2.28
N LYS A 140 5.51 -5.17 -1.37
CA LYS A 140 6.22 -6.42 -1.71
C LYS A 140 5.27 -7.49 -2.04
N ILE A 141 4.17 -7.58 -1.29
CA ILE A 141 3.16 -8.59 -1.50
C ILE A 141 2.46 -8.37 -2.86
N VAL A 142 2.07 -7.14 -3.14
CA VAL A 142 1.48 -6.79 -4.47
C VAL A 142 2.39 -7.30 -5.61
N ARG A 143 3.66 -7.01 -5.46
CA ARG A 143 4.65 -7.41 -6.47
C ARG A 143 4.81 -8.94 -6.57
N MET A 144 4.87 -9.60 -5.44
CA MET A 144 4.87 -11.03 -5.45
C MET A 144 3.70 -11.65 -6.19
N TYR A 145 2.50 -11.18 -5.91
CA TYR A 145 1.30 -11.79 -6.44
C TYR A 145 0.97 -11.25 -7.85
N SER A 146 1.76 -10.34 -8.38
CA SER A 146 1.56 -9.84 -9.78
C SER A 146 1.76 -11.07 -10.71
N PRO A 147 0.75 -11.49 -11.43
CA PRO A 147 0.93 -12.73 -12.16
C PRO A 147 1.73 -12.67 -13.45
N THR A 148 1.95 -11.47 -14.04
CA THR A 148 2.50 -11.37 -15.43
C THR A 148 3.56 -10.34 -15.59
N SER A 149 4.60 -10.69 -16.34
CA SER A 149 5.68 -9.80 -16.70
C SER A 149 5.08 -8.83 -17.75
N ILE A 150 5.46 -7.56 -17.70
CA ILE A 150 5.12 -6.65 -18.74
C ILE A 150 5.61 -7.10 -20.14
N LEU A 151 6.66 -7.91 -20.21
CA LEU A 151 7.12 -8.44 -21.46
C LEU A 151 6.11 -9.35 -22.13
N ASP A 152 5.21 -9.94 -21.36
CA ASP A 152 4.16 -10.82 -21.92
C ASP A 152 2.80 -10.15 -22.19
N ILE A 153 2.72 -8.85 -21.98
CA ILE A 153 1.54 -8.09 -22.36
C ILE A 153 1.76 -7.58 -23.76
N ARG A 154 1.10 -8.24 -24.71
CA ARG A 154 1.16 -7.90 -26.10
C ARG A 154 -0.24 -7.83 -26.70
N GLN A 155 -0.41 -6.87 -27.59
CA GLN A 155 -1.70 -6.55 -28.14
C GLN A 155 -2.15 -7.72 -29.05
N GLY A 156 -3.36 -8.21 -28.83
CA GLY A 156 -3.87 -9.28 -29.72
C GLY A 156 -4.22 -8.72 -31.14
N PRO A 157 -4.22 -9.59 -32.16
CA PRO A 157 -4.56 -9.07 -33.49
C PRO A 157 -5.94 -8.38 -33.65
N LYS A 158 -6.96 -8.69 -32.86
CA LYS A 158 -8.25 -7.99 -32.91
C LYS A 158 -8.56 -7.30 -31.59
N GLU A 159 -7.55 -7.11 -30.77
CA GLU A 159 -7.79 -6.53 -29.45
C GLU A 159 -7.73 -5.04 -29.73
N PRO A 160 -8.75 -4.30 -29.28
CA PRO A 160 -8.72 -2.84 -29.35
C PRO A 160 -7.47 -2.26 -28.63
N PHE A 161 -6.82 -1.28 -29.22
CA PHE A 161 -5.64 -0.68 -28.55
C PHE A 161 -5.88 -0.27 -27.10
N ARG A 162 -7.00 0.40 -26.84
CA ARG A 162 -7.38 0.83 -25.49
C ARG A 162 -7.38 -0.33 -24.50
N ASP A 163 -7.84 -1.52 -24.93
CA ASP A 163 -7.93 -2.68 -24.05
C ASP A 163 -6.53 -3.17 -23.75
N TYR A 164 -5.69 -3.08 -24.76
CA TYR A 164 -4.31 -3.51 -24.62
C TYR A 164 -3.55 -2.56 -23.70
N VAL A 165 -3.79 -1.28 -23.86
CA VAL A 165 -3.12 -0.28 -22.99
C VAL A 165 -3.55 -0.45 -21.49
N ASP A 166 -4.84 -0.70 -21.27
CA ASP A 166 -5.33 -1.02 -19.95
C ASP A 166 -4.58 -2.16 -19.33
N ARG A 167 -4.46 -3.29 -20.07
CA ARG A 167 -3.70 -4.45 -19.57
C ARG A 167 -2.21 -4.10 -19.28
N PHE A 168 -1.63 -3.27 -20.16
CA PHE A 168 -0.24 -2.91 -20.08
C PHE A 168 0.03 -2.13 -18.81
N TYR A 169 -0.74 -1.06 -18.60
CA TYR A 169 -0.49 -0.24 -17.44
C TYR A 169 -0.98 -0.88 -16.16
N LYS A 170 -1.99 -1.73 -16.25
CA LYS A 170 -2.39 -2.51 -15.04
C LYS A 170 -1.21 -3.42 -14.59
N THR A 171 -0.57 -4.07 -15.56
CA THR A 171 0.57 -4.92 -15.26
C THR A 171 1.74 -4.15 -14.71
N LEU A 172 2.07 -3.05 -15.36
CA LEU A 172 3.16 -2.23 -14.90
C LEU A 172 2.96 -1.73 -13.46
N ARG A 173 1.74 -1.34 -13.15
CA ARG A 173 1.39 -0.96 -11.78
C ARG A 173 1.63 -2.07 -10.75
N ALA A 174 1.21 -3.32 -10.99
CA ALA A 174 1.48 -4.39 -10.07
C ALA A 174 2.96 -4.75 -9.94
N GLU A 175 3.61 -4.84 -11.09
CA GLU A 175 5.05 -5.07 -11.24
C GLU A 175 5.92 -3.95 -10.60
N GLN A 176 5.44 -2.76 -10.36
CA GLN A 176 6.37 -1.68 -9.97
C GLN A 176 6.07 -1.19 -8.58
N THR A 188 8.39 3.07 -25.54
CA THR A 188 9.05 2.09 -26.29
C THR A 188 8.40 0.76 -26.29
N LEU A 189 8.32 0.15 -25.08
CA LEU A 189 7.78 -1.23 -24.99
C LEU A 189 6.31 -1.26 -25.40
N LEU A 190 5.61 -0.18 -25.12
CA LEU A 190 4.18 -0.09 -25.49
C LEU A 190 4.00 -0.22 -26.99
N VAL A 191 4.87 0.47 -27.73
CA VAL A 191 4.88 0.38 -29.18
C VAL A 191 5.37 -0.99 -29.61
N GLN A 192 6.50 -1.47 -29.06
CA GLN A 192 7.03 -2.83 -29.41
C GLN A 192 6.04 -3.97 -29.23
N ASN A 193 5.23 -3.86 -28.18
CA ASN A 193 4.29 -4.90 -27.84
C ASN A 193 2.92 -4.73 -28.57
N ALA A 194 2.75 -3.66 -29.36
CA ALA A 194 1.50 -3.44 -30.05
C ALA A 194 1.43 -4.40 -31.22
N ASN A 195 0.25 -4.61 -31.79
CA ASN A 195 0.10 -5.56 -32.91
C ASN A 195 0.71 -4.89 -34.16
N PRO A 196 0.92 -5.69 -35.23
CA PRO A 196 1.58 -5.12 -36.43
C PRO A 196 0.95 -3.83 -37.03
N ASP A 197 -0.37 -3.84 -37.17
CA ASP A 197 -1.10 -2.73 -37.75
C ASP A 197 -0.99 -1.44 -36.94
N CYS A 198 -1.24 -1.57 -35.64
CA CYS A 198 -1.07 -0.43 -34.76
CA CYS A 198 -1.05 -0.46 -34.68
C CYS A 198 0.41 -0.02 -34.60
N LYS A 199 1.32 -0.99 -34.49
CA LYS A 199 2.72 -0.66 -34.43
C LYS A 199 3.16 0.24 -35.63
N THR A 200 2.71 -0.11 -36.82
CA THR A 200 3.02 0.69 -38.01
C THR A 200 2.56 2.12 -37.87
N ILE A 201 1.32 2.29 -37.44
CA ILE A 201 0.75 3.62 -37.20
C ILE A 201 1.57 4.39 -36.16
N LEU A 202 1.88 3.73 -35.04
CA LEU A 202 2.60 4.34 -33.96
C LEU A 202 4.02 4.72 -34.35
N LYS A 203 4.72 3.85 -35.09
CA LYS A 203 6.07 4.19 -35.63
C LYS A 203 6.00 5.47 -36.50
N ALA A 204 5.01 5.56 -37.39
CA ALA A 204 4.79 6.76 -38.19
C ALA A 204 4.48 8.04 -37.39
N LEU A 205 3.92 7.92 -36.19
CA LEU A 205 3.64 9.11 -35.36
C LEU A 205 4.90 9.80 -34.95
N GLY A 206 6.01 9.05 -34.84
CA GLY A 206 7.29 9.62 -34.45
C GLY A 206 7.44 9.68 -32.94
N PRO A 207 8.63 10.09 -32.47
CA PRO A 207 8.88 10.18 -31.03
C PRO A 207 8.19 11.41 -30.44
N GLY A 208 8.02 11.40 -29.12
CA GLY A 208 7.32 12.48 -28.45
C GLY A 208 5.80 12.44 -28.49
N ALA A 209 5.18 11.43 -29.15
CA ALA A 209 3.72 11.28 -29.08
C ALA A 209 3.27 11.06 -27.61
N THR A 210 2.18 11.71 -27.21
CA THR A 210 1.63 11.50 -25.89
C THR A 210 0.84 10.19 -25.99
N LEU A 211 0.42 9.66 -24.84
CA LEU A 211 -0.43 8.46 -24.83
C LEU A 211 -1.74 8.75 -25.51
N GLU A 212 -2.33 9.91 -25.19
CA GLU A 212 -3.55 10.36 -25.85
C GLU A 212 -3.52 10.28 -27.42
N GLU A 213 -2.43 10.75 -27.98
CA GLU A 213 -2.20 10.77 -29.41
C GLU A 213 -2.00 9.36 -29.95
N MET A 214 -1.27 8.51 -29.22
CA MET A 214 -1.18 7.08 -29.58
C MET A 214 -2.51 6.36 -29.62
N MET A 215 -3.28 6.58 -28.56
CA MET A 215 -4.62 5.97 -28.46
C MET A 215 -5.55 6.48 -29.53
N THR A 216 -5.53 7.77 -29.80
CA THR A 216 -6.32 8.27 -30.94
C THR A 216 -5.84 7.70 -32.27
N ALA A 217 -4.54 7.58 -32.48
CA ALA A 217 -4.09 7.05 -33.76
C ALA A 217 -4.46 5.62 -33.97
N CYS A 218 -4.46 4.76 -32.93
CA CYS A 218 -4.85 3.33 -33.13
C CYS A 218 -6.36 3.06 -32.85
N GLN A 219 -7.14 4.10 -32.68
CA GLN A 219 -8.59 3.97 -32.53
C GLN A 219 -9.08 3.53 -33.89
PA AZT B . -25.83 2.49 6.10
O1A AZT B . -25.74 1.51 7.26
O2A AZT B . -24.57 2.90 5.38
O3A AZT B . -26.59 3.84 6.60
PB AZT B . -26.90 4.24 8.15
O1B AZT B . -27.27 2.99 8.90
O2B AZT B . -27.88 5.40 8.14
O3B AZT B . -25.51 4.80 8.75
PG AZT B . -24.81 6.19 8.27
O1G AZT B . -25.73 6.71 7.19
O2G AZT B . -23.45 5.75 7.77
O3G AZT B . -24.76 7.04 9.52
O5' AZT B . -26.82 1.87 4.99
C5' AZT B . -26.31 1.14 3.87
C4' AZT B . -26.94 -0.25 3.83
O4' AZT B . -27.42 -0.59 2.52
C3' AZT B . -25.93 -1.32 4.20
N3' AZT B . -26.41 -1.94 5.44
N4' AZT B . -25.97 -1.55 6.53
N5' AZT B . -25.09 -0.61 6.57
C2' AZT B . -26.00 -2.38 3.10
C1' AZT B . -27.20 -1.99 2.24
N1 AZT B . -26.95 -2.23 0.81
C2 AZT B . -27.45 -3.40 0.16
O2 AZT B . -28.09 -4.25 0.80
N3 AZT B . -27.22 -3.61 -1.16
C4 AZT B . -26.55 -2.73 -1.88
O4 AZT B . -26.34 -2.92 -3.10
C5 AZT B . -26.03 -1.50 -1.23
C5A AZT B . -25.25 -0.47 -2.00
C6 AZT B . -26.27 -1.31 0.12
#